data_1VPB
#
_entry.id   1VPB
#
_cell.length_a   73.541
_cell.length_b   154.968
_cell.length_c   106.120
_cell.angle_alpha   90.00
_cell.angle_beta   90.00
_cell.angle_gamma   90.00
#
_symmetry.space_group_name_H-M   'C 2 2 21'
#
loop_
_entity.id
_entity.type
_entity.pdbx_description
1 polymer 'putative modulator of DNA gyrase'
2 non-polymer 1,2-ETHANEDIOL
3 water water
#
_entity_poly.entity_id   1
_entity_poly.type   'polypeptide(L)'
_entity_poly.pdbx_seq_one_letter_code
;MGSDKIHHHHHHMITDENKKLAQWAMDYALKNGCQAAKVLLYSSSNTSFELRDAKMDRLQQASEGGLSLSLYVDGRYGSI
STNRLNRKELETFIKNGIDSTRYLAKDEARVLADPSRYYKGGKPDLKLYDAKFASLNPDDKIEMAKAVAEEALGKDERII
SVGSSYGDGEDFAYRLISNGFEGETKSTWYSLSADITIRGEGEARPSAYWYESSLYMNDLIKKGIGQKALERVLRKLGQK
KVQSGKYTMVVDPMNSSRLLSPMISALNGSALQQKNSFLLNKLNEKIASDRLTLTDEPHLVKASGARYFDNEGIATERRS
IFDKGVLNTYFIDTYNAKKMGVDPTISGSSILVMETGDKNLDGLIAGVEKGILVTGFNGGNNNSSTGDFSYGIEGFLIEN
GKLTQPVSEMNVTGNLITLWNSLVATGNDPRLNSSWRIPSLVFEGVDFSGL
;
_entity_poly.pdbx_strand_id   A
#
loop_
_chem_comp.id
_chem_comp.type
_chem_comp.name
_chem_comp.formula
EDO non-polymer 1,2-ETHANEDIOL 'C2 H6 O2'
#
# COMPACT_ATOMS: atom_id res chain seq x y z
N MET A 13 25.18 0.51 -3.16
CA MET A 13 24.77 -0.51 -4.15
C MET A 13 24.85 -1.95 -3.59
N ILE A 14 24.31 -2.88 -4.37
CA ILE A 14 24.60 -4.29 -4.09
C ILE A 14 25.86 -4.59 -4.90
N THR A 15 26.91 -5.00 -4.20
CA THR A 15 28.26 -5.16 -4.82
C THR A 15 28.42 -6.49 -5.51
N ASP A 16 29.51 -6.59 -6.26
CA ASP A 16 29.83 -7.84 -6.92
C ASP A 16 30.10 -8.90 -5.86
N GLU A 17 30.73 -8.50 -4.76
CA GLU A 17 30.98 -9.42 -3.66
C GLU A 17 29.65 -9.92 -3.06
N ASN A 18 28.71 -8.99 -2.81
CA ASN A 18 27.35 -9.36 -2.34
C ASN A 18 26.71 -10.38 -3.30
N LYS A 19 26.78 -10.10 -4.61
CA LYS A 19 26.17 -11.00 -5.58
C LYS A 19 26.83 -12.38 -5.54
N LYS A 20 28.16 -12.39 -5.42
CA LYS A 20 28.87 -13.66 -5.33
C LYS A 20 28.42 -14.43 -4.09
N LEU A 21 28.11 -13.72 -3.01
CA LEU A 21 27.68 -14.42 -1.78
C LEU A 21 26.31 -15.05 -2.01
N ALA A 22 25.42 -14.32 -2.68
CA ALA A 22 24.10 -14.90 -3.00
C ALA A 22 24.20 -16.08 -3.94
N GLN A 23 25.11 -16.01 -4.91
CA GLN A 23 25.29 -17.06 -5.88
C GLN A 23 25.89 -18.28 -5.18
N TRP A 24 26.79 -18.05 -4.23
CA TRP A 24 27.40 -19.13 -3.46
C TRP A 24 26.31 -19.85 -2.63
N ALA A 25 25.42 -19.08 -2.03
CA ALA A 25 24.34 -19.66 -1.21
C ALA A 25 23.40 -20.48 -2.05
N MET A 26 23.04 -19.99 -3.26
CA MET A 26 22.21 -20.76 -4.19
C MET A 26 22.88 -22.11 -4.49
N ASP A 27 24.15 -22.03 -4.91
CA ASP A 27 24.90 -23.22 -5.29
C ASP A 27 24.97 -24.20 -4.12
N TYR A 28 25.23 -23.70 -2.93
CA TYR A 28 25.36 -24.54 -1.74
C TYR A 28 24.04 -25.25 -1.49
N ALA A 29 22.93 -24.50 -1.53
CA ALA A 29 21.63 -25.14 -1.34
C ALA A 29 21.35 -26.27 -2.36
N LEU A 30 21.66 -26.01 -3.64
CA LEU A 30 21.41 -26.95 -4.71
C LEU A 30 22.28 -28.20 -4.63
N LYS A 31 23.48 -28.02 -4.13
CA LYS A 31 24.42 -29.14 -4.00
C LYS A 31 24.16 -29.96 -2.74
N ASN A 32 23.37 -29.46 -1.81
CA ASN A 32 23.19 -30.11 -0.48
C ASN A 32 21.74 -30.49 -0.14
N GLY A 33 20.92 -30.66 -1.15
CA GLY A 33 19.62 -31.32 -1.02
C GLY A 33 18.44 -30.68 -1.71
N CYS A 34 18.59 -29.42 -2.14
CA CYS A 34 17.50 -28.77 -2.85
C CYS A 34 17.48 -29.13 -4.34
N GLN A 35 16.32 -29.54 -4.81
CA GLN A 35 16.04 -29.73 -6.26
C GLN A 35 15.93 -28.31 -6.86
N ALA A 36 15.49 -27.34 -6.03
CA ALA A 36 15.29 -25.97 -6.49
C ALA A 36 15.41 -25.04 -5.29
N ALA A 37 15.75 -23.78 -5.56
CA ALA A 37 15.83 -22.79 -4.49
C ALA A 37 15.62 -21.38 -5.06
N LYS A 38 15.25 -20.49 -4.15
CA LYS A 38 15.18 -19.03 -4.43
C LYS A 38 16.06 -18.40 -3.37
N VAL A 39 16.84 -17.36 -3.74
CA VAL A 39 17.67 -16.64 -2.80
C VAL A 39 17.38 -15.15 -2.99
N LEU A 40 17.20 -14.48 -1.89
CA LEU A 40 17.14 -13.00 -1.83
C LEU A 40 18.22 -12.49 -0.95
N LEU A 41 19.01 -11.53 -1.46
CA LEU A 41 19.92 -10.80 -0.65
C LEU A 41 19.40 -9.35 -0.64
N TYR A 42 19.15 -8.83 0.56
CA TYR A 42 18.50 -7.54 0.69
C TYR A 42 19.36 -6.66 1.55
N SER A 43 19.21 -5.35 1.35
CA SER A 43 19.79 -4.44 2.31
C SER A 43 18.99 -3.17 2.33
N SER A 44 19.14 -2.46 3.41
CA SER A 44 18.40 -1.20 3.52
C SER A 44 19.14 -0.32 4.51
N SER A 45 18.77 0.96 4.49
CA SER A 45 19.18 1.83 5.57
C SER A 45 18.10 2.89 5.73
N ASN A 46 18.03 3.50 6.90
CA ASN A 46 16.97 4.45 7.19
C ASN A 46 17.37 5.46 8.25
N THR A 47 16.73 6.65 8.17
CA THR A 47 16.78 7.64 9.22
C THR A 47 15.37 8.07 9.61
N SER A 48 15.16 8.20 10.93
N SER A 48 15.14 8.22 10.91
CA SER A 48 13.94 8.76 11.49
CA SER A 48 13.89 8.78 11.43
C SER A 48 14.27 9.88 12.47
C SER A 48 14.21 9.85 12.46
N PHE A 49 13.69 11.06 12.23
CA PHE A 49 13.67 12.10 13.25
C PHE A 49 12.23 12.31 13.68
N GLU A 50 11.97 12.27 14.98
CA GLU A 50 10.65 12.64 15.55
C GLU A 50 10.76 13.76 16.55
N LEU A 51 9.83 14.74 16.40
CA LEU A 51 9.78 15.91 17.22
C LEU A 51 8.40 15.98 17.88
N ARG A 52 8.36 16.43 19.12
CA ARG A 52 7.06 16.75 19.71
C ARG A 52 7.19 17.94 20.55
N ASP A 53 6.51 19.02 20.15
CA ASP A 53 6.61 20.30 20.79
C ASP A 53 8.08 20.66 21.06
N MET A 56 11.33 16.83 22.77
CA MET A 56 11.82 15.47 22.98
C MET A 56 12.33 14.95 21.64
N ASP A 57 13.31 15.65 21.06
CA ASP A 57 13.90 15.25 19.77
C ASP A 57 14.34 13.82 19.85
N ARG A 58 14.00 13.07 18.83
CA ARG A 58 14.41 11.68 18.77
C ARG A 58 15.05 11.38 17.40
N LEU A 59 16.13 10.61 17.39
CA LEU A 59 16.77 10.11 16.20
C LEU A 59 16.92 8.60 16.30
N GLN A 60 16.49 7.93 15.28
CA GLN A 60 16.84 6.52 15.02
C GLN A 60 17.40 6.31 13.66
N GLN A 61 18.50 5.59 13.60
CA GLN A 61 19.07 5.21 12.31
C GLN A 61 19.34 3.70 12.30
N ALA A 62 19.18 3.10 11.14
CA ALA A 62 19.37 1.65 10.99
C ALA A 62 20.00 1.31 9.69
N SER A 63 20.79 0.24 9.66
CA SER A 63 21.39 -0.28 8.46
C SER A 63 21.31 -1.79 8.52
N GLU A 64 20.69 -2.41 7.54
CA GLU A 64 20.40 -3.86 7.71
C GLU A 64 20.72 -4.54 6.39
N GLY A 65 21.09 -5.83 6.46
CA GLY A 65 21.31 -6.61 5.26
C GLY A 65 21.14 -8.06 5.61
N GLY A 66 20.52 -8.82 4.74
CA GLY A 66 20.38 -10.25 5.02
C GLY A 66 20.16 -11.12 3.79
N LEU A 67 20.00 -12.42 4.04
CA LEU A 67 19.82 -13.42 3.01
C LEU A 67 18.62 -14.26 3.40
N SER A 68 17.70 -14.46 2.47
CA SER A 68 16.48 -15.28 2.67
C SER A 68 16.51 -16.34 1.61
N LEU A 69 16.16 -17.59 1.98
CA LEU A 69 16.08 -18.64 0.95
C LEU A 69 14.77 -19.36 1.04
N SER A 70 14.24 -19.80 -0.11
CA SER A 70 13.08 -20.68 -0.20
C SER A 70 13.72 -21.98 -0.67
N LEU A 71 13.46 -23.04 0.09
CA LEU A 71 14.08 -24.33 -0.12
C LEU A 71 13.07 -25.39 -0.59
N TYR A 72 13.31 -25.99 -1.78
CA TYR A 72 12.46 -27.01 -2.38
C TYR A 72 13.23 -28.35 -2.26
N VAL A 73 12.79 -29.15 -1.32
CA VAL A 73 13.57 -30.30 -0.83
C VAL A 73 12.65 -31.50 -0.84
N ASP A 74 12.86 -32.36 -1.83
CA ASP A 74 12.07 -33.58 -1.83
C ASP A 74 10.58 -33.42 -1.80
N GLY A 75 10.10 -32.39 -2.48
CA GLY A 75 8.69 -32.13 -2.53
C GLY A 75 8.18 -31.20 -1.45
N ARG A 76 8.99 -30.98 -0.43
CA ARG A 76 8.69 -30.09 0.67
C ARG A 76 9.15 -28.67 0.32
N TYR A 77 8.66 -27.71 1.11
CA TYR A 77 8.97 -26.28 0.87
C TYR A 77 9.14 -25.58 2.22
N GLY A 78 10.30 -24.94 2.40
CA GLY A 78 10.72 -24.31 3.66
C GLY A 78 11.29 -22.95 3.40
N SER A 79 11.21 -22.09 4.42
CA SER A 79 11.75 -20.75 4.37
C SER A 79 12.70 -20.44 5.49
N ILE A 80 13.90 -19.95 5.16
CA ILE A 80 14.85 -19.57 6.16
C ILE A 80 15.41 -18.15 5.86
N SER A 81 15.89 -17.49 6.90
N SER A 81 15.84 -17.47 6.92
CA SER A 81 16.43 -16.15 6.69
CA SER A 81 16.43 -16.16 6.76
C SER A 81 17.44 -15.84 7.78
C SER A 81 17.52 -15.92 7.80
N THR A 82 18.54 -15.18 7.38
CA THR A 82 19.60 -14.86 8.28
C THR A 82 20.32 -13.59 7.90
N ASN A 83 20.89 -12.95 8.92
CA ASN A 83 21.76 -11.84 8.64
C ASN A 83 23.15 -12.13 9.12
N ARG A 84 23.44 -13.39 9.41
CA ARG A 84 24.72 -13.83 9.90
C ARG A 84 25.40 -14.53 8.74
N LEU A 85 26.30 -13.80 8.06
CA LEU A 85 26.71 -14.15 6.71
C LEU A 85 28.11 -14.69 6.49
N ASN A 86 28.81 -15.12 7.53
CA ASN A 86 30.07 -15.82 7.35
C ASN A 86 29.72 -17.16 6.71
N ARG A 87 30.52 -17.58 5.74
CA ARG A 87 30.15 -18.77 4.98
C ARG A 87 30.10 -20.02 5.90
N LYS A 88 30.97 -20.11 6.90
CA LYS A 88 30.94 -21.28 7.80
C LYS A 88 29.62 -21.42 8.56
N GLU A 89 29.13 -20.30 9.10
CA GLU A 89 27.84 -20.34 9.77
C GLU A 89 26.70 -20.47 8.75
N LEU A 90 26.83 -19.87 7.57
CA LEU A 90 25.79 -20.02 6.54
C LEU A 90 25.67 -21.46 6.10
N GLU A 91 26.79 -22.16 5.95
CA GLU A 91 26.73 -23.59 5.57
C GLU A 91 25.86 -24.40 6.53
N THR A 92 26.12 -24.24 7.82
CA THR A 92 25.32 -24.92 8.84
C THR A 92 23.87 -24.51 8.81
N PHE A 93 23.61 -23.19 8.70
CA PHE A 93 22.27 -22.70 8.71
C PHE A 93 21.47 -23.24 7.53
N ILE A 94 22.07 -23.19 6.34
CA ILE A 94 21.38 -23.69 5.12
C ILE A 94 21.16 -25.19 5.21
N LYS A 95 22.19 -25.94 5.59
CA LYS A 95 22.02 -27.40 5.64
C LYS A 95 20.96 -27.78 6.65
N ASN A 96 20.94 -27.12 7.81
CA ASN A 96 19.93 -27.37 8.81
C ASN A 96 18.55 -27.04 8.29
N GLY A 97 18.41 -25.94 7.52
CA GLY A 97 17.16 -25.59 6.91
C GLY A 97 16.63 -26.63 5.93
N ILE A 98 17.56 -27.17 5.13
CA ILE A 98 17.22 -28.19 4.14
C ILE A 98 16.72 -29.45 4.85
N ASP A 99 17.47 -29.88 5.85
CA ASP A 99 17.16 -31.12 6.55
C ASP A 99 15.86 -30.99 7.36
N SER A 100 15.63 -29.80 7.91
CA SER A 100 14.39 -29.52 8.63
C SER A 100 13.18 -29.48 7.69
N THR A 101 13.36 -28.91 6.53
CA THR A 101 12.30 -28.77 5.52
C THR A 101 11.84 -30.16 5.09
N ARG A 102 12.81 -31.06 4.95
CA ARG A 102 12.44 -32.42 4.51
C ARG A 102 11.49 -33.17 5.44
N TYR A 103 11.46 -32.77 6.72
CA TYR A 103 10.55 -33.37 7.66
C TYR A 103 9.08 -32.97 7.53
N LEU A 104 8.85 -31.91 6.78
CA LEU A 104 7.48 -31.46 6.47
C LEU A 104 6.76 -32.50 5.61
N ALA A 105 5.44 -32.40 5.53
CA ALA A 105 4.71 -33.12 4.49
C ALA A 105 4.96 -32.48 3.20
N LYS A 106 5.10 -33.29 2.15
CA LYS A 106 5.34 -32.70 0.86
C LYS A 106 4.12 -31.91 0.36
N ASP A 107 4.46 -30.88 -0.40
CA ASP A 107 3.44 -30.07 -1.08
C ASP A 107 3.76 -29.94 -2.55
N GLU A 108 3.09 -30.74 -3.36
CA GLU A 108 3.50 -30.86 -4.76
C GLU A 108 3.12 -29.67 -5.59
N ALA A 109 2.29 -28.84 -5.01
CA ALA A 109 1.92 -27.57 -5.70
C ALA A 109 2.99 -26.49 -5.55
N ARG A 110 3.97 -26.66 -4.63
CA ARG A 110 5.06 -25.71 -4.46
C ARG A 110 6.07 -26.04 -5.54
N VAL A 111 5.96 -25.30 -6.66
CA VAL A 111 6.83 -25.45 -7.79
C VAL A 111 7.35 -24.08 -8.22
N LEU A 112 8.42 -24.09 -8.98
CA LEU A 112 8.94 -22.83 -9.55
C LEU A 112 8.05 -22.50 -10.73
N ALA A 113 7.97 -21.20 -11.00
CA ALA A 113 7.26 -20.74 -12.21
C ALA A 113 7.95 -21.24 -13.48
N ASP A 114 7.19 -21.31 -14.57
CA ASP A 114 7.71 -21.57 -15.89
C ASP A 114 8.65 -20.40 -16.23
N PRO A 115 9.89 -20.64 -16.54
CA PRO A 115 10.84 -19.52 -16.74
C PRO A 115 10.58 -18.66 -17.96
N SER A 116 9.68 -19.12 -18.82
CA SER A 116 9.26 -18.32 -19.99
C SER A 116 8.47 -17.07 -19.50
N ARG A 117 7.92 -17.16 -18.27
CA ARG A 117 7.21 -16.04 -17.65
C ARG A 117 8.05 -15.01 -16.92
N TYR A 118 9.34 -15.25 -16.71
CA TYR A 118 10.16 -14.35 -15.99
C TYR A 118 10.45 -13.04 -16.71
N TYR A 119 10.65 -11.99 -15.95
CA TYR A 119 11.24 -10.77 -16.51
C TYR A 119 12.57 -11.10 -17.17
N LYS A 120 12.71 -10.58 -18.38
CA LYS A 120 13.85 -10.90 -19.31
C LYS A 120 14.75 -9.68 -19.52
N GLY A 121 14.58 -8.65 -18.67
CA GLY A 121 15.47 -7.53 -18.63
C GLY A 121 15.22 -6.56 -19.78
N GLY A 122 15.97 -5.46 -19.73
CA GLY A 122 16.09 -4.57 -20.85
C GLY A 122 15.04 -3.48 -20.99
N LYS A 123 14.06 -3.46 -20.09
N LYS A 123 14.10 -3.43 -20.05
CA LYS A 123 13.05 -2.40 -20.10
CA LYS A 123 13.11 -2.37 -20.08
C LYS A 123 13.68 -1.14 -19.49
C LYS A 123 13.74 -1.10 -19.52
N PRO A 124 13.11 0.04 -19.80
CA PRO A 124 13.71 1.29 -19.37
C PRO A 124 13.88 1.44 -17.85
N ASP A 125 14.92 2.15 -17.44
CA ASP A 125 15.14 2.47 -16.02
C ASP A 125 13.91 3.09 -15.40
N LEU A 126 13.37 2.46 -14.33
CA LEU A 126 12.20 3.00 -13.67
C LEU A 126 12.55 4.22 -12.77
N LYS A 127 13.85 4.42 -12.52
CA LYS A 127 14.35 5.63 -11.84
C LYS A 127 13.74 5.78 -10.45
N LEU A 128 13.76 4.69 -9.68
CA LEU A 128 13.08 4.72 -8.39
C LEU A 128 14.04 5.02 -7.25
N TYR A 129 15.31 5.25 -7.57
CA TYR A 129 16.34 5.53 -6.61
C TYR A 129 16.93 6.94 -6.83
N ASP A 130 16.81 7.78 -5.82
CA ASP A 130 17.39 9.15 -5.81
C ASP A 130 18.87 9.08 -5.53
N ALA A 131 19.68 9.36 -6.57
CA ALA A 131 21.12 9.27 -6.43
C ALA A 131 21.72 10.23 -5.37
N LYS A 132 20.99 11.29 -5.07
CA LYS A 132 21.36 12.23 -4.00
C LYS A 132 21.29 11.65 -2.58
N PHE A 133 20.64 10.51 -2.41
CA PHE A 133 20.38 10.00 -1.09
C PHE A 133 21.63 10.03 -0.18
N ALA A 134 22.74 9.46 -0.63
CA ALA A 134 23.88 9.28 0.27
C ALA A 134 24.52 10.59 0.60
N SER A 135 24.33 11.60 -0.22
CA SER A 135 24.98 12.88 0.01
C SER A 135 24.21 13.82 0.94
N LEU A 136 22.98 13.48 1.34
CA LEU A 136 22.09 14.44 2.02
C LEU A 136 22.59 14.68 3.41
N ASN A 137 22.34 15.87 3.92
CA ASN A 137 22.88 16.31 5.20
C ASN A 137 21.77 16.12 6.26
N PRO A 138 22.04 15.34 7.31
CA PRO A 138 21.01 15.06 8.31
C PRO A 138 20.48 16.31 8.90
N ASP A 139 21.28 17.34 8.99
CA ASP A 139 20.77 18.58 9.52
C ASP A 139 19.65 19.25 8.73
N ASP A 140 19.70 19.14 7.40
CA ASP A 140 18.58 19.61 6.57
C ASP A 140 17.29 18.80 6.80
N LYS A 141 17.46 17.51 7.04
CA LYS A 141 16.34 16.58 7.29
C LYS A 141 15.63 17.01 8.58
N ILE A 142 16.37 17.14 9.68
N ILE A 142 16.39 17.17 9.66
CA ILE A 142 15.71 17.53 10.91
CA ILE A 142 15.80 17.62 10.93
C ILE A 142 15.14 18.96 10.84
C ILE A 142 15.11 18.94 10.77
N GLU A 143 15.78 19.87 10.11
CA GLU A 143 15.20 21.19 9.88
C GLU A 143 13.83 21.16 9.20
N MET A 144 13.67 20.28 8.20
CA MET A 144 12.37 20.11 7.56
C MET A 144 11.31 19.73 8.57
N ALA A 145 11.61 18.81 9.49
CA ALA A 145 10.63 18.40 10.49
C ALA A 145 10.32 19.55 11.43
N LYS A 146 11.35 20.31 11.81
CA LYS A 146 11.11 21.51 12.59
C LYS A 146 10.21 22.51 11.88
N ALA A 147 10.44 22.75 10.60
CA ALA A 147 9.60 23.67 9.82
C ALA A 147 8.15 23.22 9.79
N VAL A 148 7.93 21.91 9.69
CA VAL A 148 6.55 21.40 9.68
C VAL A 148 5.85 21.86 10.95
N ALA A 149 6.46 21.60 12.09
CA ALA A 149 5.86 21.87 13.38
C ALA A 149 5.64 23.37 13.55
N GLU A 150 6.60 24.16 13.11
CA GLU A 150 6.48 25.62 13.25
C GLU A 150 5.30 26.20 12.54
N GLU A 151 4.74 25.50 11.55
CA GLU A 151 3.52 25.95 10.88
C GLU A 151 2.29 25.94 11.78
N ALA A 152 2.31 25.14 12.84
CA ALA A 152 1.14 25.00 13.71
C ALA A 152 1.38 25.55 15.10
N LEU A 153 2.64 25.49 15.55
CA LEU A 153 3.00 25.79 16.91
C LEU A 153 2.56 27.20 17.20
N GLY A 154 1.80 27.35 18.30
CA GLY A 154 1.32 28.65 18.77
C GLY A 154 0.26 29.32 17.90
N LYS A 155 -0.29 28.62 16.92
CA LYS A 155 -1.23 29.23 16.00
C LYS A 155 -2.66 29.15 16.51
N ASP A 156 -2.90 28.37 17.56
CA ASP A 156 -4.26 28.24 18.06
C ASP A 156 -4.24 27.75 19.51
N GLU A 157 -4.99 28.47 20.34
N GLU A 157 -4.98 28.43 20.36
CA GLU A 157 -5.08 28.25 21.80
CA GLU A 157 -4.91 28.18 21.79
C GLU A 157 -5.45 26.83 22.16
C GLU A 157 -5.43 26.80 22.21
N ARG A 158 -6.41 26.26 21.36
CA ARG A 158 -6.89 24.93 21.66
C ARG A 158 -5.82 23.87 21.54
N ILE A 159 -4.68 24.19 20.91
CA ILE A 159 -3.70 23.13 20.62
C ILE A 159 -3.08 22.54 21.88
N ILE A 160 -3.03 21.22 21.97
CA ILE A 160 -2.41 20.54 23.10
C ILE A 160 -0.98 20.07 22.75
N SER A 161 -0.80 19.47 21.58
CA SER A 161 0.50 18.94 21.19
C SER A 161 0.63 18.97 19.67
N VAL A 162 1.83 19.31 19.19
CA VAL A 162 2.18 19.26 17.77
C VAL A 162 3.38 18.34 17.60
N GLY A 163 3.16 17.22 16.97
CA GLY A 163 4.21 16.30 16.61
C GLY A 163 4.55 16.45 15.13
N SER A 164 5.82 16.26 14.80
CA SER A 164 6.21 16.15 13.40
C SER A 164 7.29 15.10 13.26
N SER A 165 7.46 14.62 12.06
CA SER A 165 8.40 13.55 11.79
C SER A 165 9.01 13.69 10.42
N TYR A 166 10.26 13.26 10.32
CA TYR A 166 10.93 13.01 9.06
C TYR A 166 11.32 11.54 9.00
N GLY A 167 11.14 10.89 7.88
CA GLY A 167 11.66 9.56 7.65
C GLY A 167 12.30 9.45 6.25
N ASP A 168 13.33 8.64 6.12
CA ASP A 168 13.77 8.24 4.81
C ASP A 168 14.29 6.82 4.82
N GLY A 169 14.55 6.30 3.64
CA GLY A 169 15.21 5.01 3.49
C GLY A 169 15.68 4.69 2.11
N GLU A 170 16.55 3.71 2.01
CA GLU A 170 16.95 3.13 0.75
C GLU A 170 16.81 1.63 0.89
N ASP A 171 16.47 0.97 -0.19
CA ASP A 171 16.21 -0.48 -0.22
C ASP A 171 16.82 -1.03 -1.47
N PHE A 172 17.52 -2.14 -1.30
CA PHE A 172 18.16 -2.91 -2.39
C PHE A 172 17.78 -4.36 -2.28
N ALA A 173 17.61 -5.00 -3.41
CA ALA A 173 17.30 -6.45 -3.44
C ALA A 173 17.93 -7.06 -4.63
N TYR A 174 18.55 -8.24 -4.43
CA TYR A 174 19.10 -9.07 -5.48
C TYR A 174 18.47 -10.43 -5.35
N ARG A 175 17.93 -10.93 -6.45
N ARG A 175 17.86 -10.92 -6.43
CA ARG A 175 17.10 -12.13 -6.42
CA ARG A 175 17.04 -12.17 -6.41
C ARG A 175 17.70 -13.13 -7.39
C ARG A 175 17.49 -13.18 -7.45
N LEU A 176 17.72 -14.41 -6.98
CA LEU A 176 18.13 -15.51 -7.82
C LEU A 176 17.12 -16.64 -7.66
N ILE A 177 16.78 -17.29 -8.76
CA ILE A 177 15.91 -18.47 -8.76
C ILE A 177 16.60 -19.52 -9.58
N SER A 178 16.65 -20.77 -9.09
CA SER A 178 17.52 -21.77 -9.70
C SER A 178 17.21 -22.26 -11.12
N ASN A 179 16.03 -21.97 -11.64
CA ASN A 179 15.67 -22.31 -13.01
C ASN A 179 15.87 -21.09 -13.96
N GLY A 180 16.69 -20.16 -13.55
CA GLY A 180 17.26 -19.19 -14.50
C GLY A 180 16.70 -17.79 -14.37
N PHE A 181 16.54 -17.33 -13.15
CA PHE A 181 16.21 -15.93 -12.90
C PHE A 181 17.30 -15.21 -12.12
N GLU A 182 17.67 -13.97 -12.55
CA GLU A 182 18.49 -13.09 -11.80
C GLU A 182 17.90 -11.68 -11.95
N GLY A 183 17.66 -11.02 -10.85
CA GLY A 183 17.07 -9.67 -10.88
C GLY A 183 17.50 -8.80 -9.76
N GLU A 184 17.43 -7.48 -9.97
CA GLU A 184 17.79 -6.60 -8.90
C GLU A 184 16.98 -5.32 -8.96
N THR A 185 16.73 -4.79 -7.77
CA THR A 185 15.97 -3.55 -7.60
C THR A 185 16.64 -2.63 -6.62
N LYS A 186 16.36 -1.32 -6.73
CA LYS A 186 16.84 -0.34 -5.75
C LYS A 186 15.84 0.80 -5.77
N SER A 187 15.56 1.35 -4.59
CA SER A 187 14.69 2.48 -4.46
C SER A 187 14.98 3.29 -3.20
N THR A 188 14.47 4.53 -3.21
CA THR A 188 14.53 5.42 -2.06
C THR A 188 13.15 5.92 -1.72
N TRP A 189 13.02 6.44 -0.51
CA TRP A 189 11.81 7.12 -0.09
C TRP A 189 12.13 8.16 0.96
N TYR A 190 11.28 9.18 1.01
CA TYR A 190 11.35 10.23 1.97
C TYR A 190 9.94 10.61 2.40
N SER A 191 9.79 10.99 3.66
CA SER A 191 8.47 11.40 4.15
C SER A 191 8.54 12.42 5.23
N LEU A 192 7.52 13.28 5.27
CA LEU A 192 7.36 14.25 6.32
C LEU A 192 5.93 14.20 6.80
N SER A 193 5.73 14.35 8.08
CA SER A 193 4.40 14.31 8.64
C SER A 193 4.23 15.25 9.82
N ALA A 194 2.97 15.58 10.07
CA ALA A 194 2.55 16.28 11.29
C ALA A 194 1.39 15.56 11.94
N ASP A 195 1.33 15.64 13.26
CA ASP A 195 0.16 15.16 13.99
C ASP A 195 -0.12 16.16 15.12
N ILE A 196 -1.38 16.55 15.24
CA ILE A 196 -1.75 17.62 16.13
C ILE A 196 -2.94 17.19 16.93
N THR A 197 -2.90 17.47 18.23
CA THR A 197 -3.98 17.18 19.15
C THR A 197 -4.47 18.48 19.76
N ILE A 198 -5.79 18.60 19.91
CA ILE A 198 -6.37 19.81 20.44
C ILE A 198 -7.39 19.53 21.53
N ARG A 199 -7.74 20.58 22.26
N ARG A 199 -7.75 20.58 22.24
CA ARG A 199 -8.76 20.55 23.30
CA ARG A 199 -8.76 20.55 23.30
C ARG A 199 -10.13 20.62 22.63
C ARG A 199 -10.13 20.63 22.65
N GLY A 200 -10.92 19.56 22.79
CA GLY A 200 -12.29 19.52 22.29
C GLY A 200 -13.24 19.96 23.39
N GLU A 201 -14.48 19.50 23.30
CA GLU A 201 -15.46 19.71 24.37
C GLU A 201 -15.30 18.66 25.46
N GLY A 202 -15.51 19.08 26.70
CA GLY A 202 -15.35 18.19 27.83
C GLY A 202 -13.94 17.64 27.89
N GLU A 203 -13.83 16.32 27.72
CA GLU A 203 -12.54 15.65 27.83
C GLU A 203 -12.02 15.22 26.45
N ALA A 204 -12.81 15.48 25.42
CA ALA A 204 -12.41 15.23 24.03
C ALA A 204 -11.06 15.86 23.70
N ARG A 205 -10.16 15.06 23.12
CA ARG A 205 -8.86 15.54 22.70
C ARG A 205 -8.66 15.01 21.27
N PRO A 206 -9.40 15.57 20.32
CA PRO A 206 -9.29 15.17 18.92
C PRO A 206 -7.93 15.42 18.29
N SER A 207 -7.58 14.59 17.32
CA SER A 207 -6.29 14.72 16.67
C SER A 207 -6.43 14.51 15.16
N ALA A 208 -5.45 15.01 14.42
CA ALA A 208 -5.40 14.81 12.98
C ALA A 208 -3.97 14.89 12.52
N TYR A 209 -3.76 14.48 11.28
CA TYR A 209 -2.44 14.38 10.70
C TYR A 209 -2.43 14.77 9.23
N TRP A 210 -1.23 15.00 8.73
CA TRP A 210 -1.01 15.09 7.31
C TRP A 210 0.39 14.59 7.05
N TYR A 211 0.65 14.10 5.83
CA TYR A 211 1.97 13.69 5.45
C TYR A 211 2.13 13.77 3.96
N GLU A 212 3.39 13.86 3.57
CA GLU A 212 3.80 13.95 2.19
C GLU A 212 4.93 12.94 2.05
N SER A 213 5.03 12.33 0.86
CA SER A 213 6.16 11.45 0.55
C SER A 213 6.57 11.53 -0.91
N SER A 214 7.78 11.06 -1.18
N SER A 214 7.76 11.02 -1.20
CA SER A 214 8.31 11.03 -2.54
CA SER A 214 8.21 10.89 -2.57
C SER A 214 9.49 10.06 -2.61
C SER A 214 9.38 9.92 -2.61
N LEU A 215 9.81 9.60 -3.82
CA LEU A 215 10.96 8.79 -4.04
C LEU A 215 12.22 9.69 -4.08
N TYR A 216 12.04 11.02 -4.35
CA TYR A 216 13.15 11.98 -4.49
C TYR A 216 13.06 13.16 -3.50
N MET A 217 14.15 13.47 -2.82
CA MET A 217 14.18 14.57 -1.82
C MET A 217 13.76 15.85 -2.47
N ASN A 218 14.26 16.05 -3.70
CA ASN A 218 13.97 17.27 -4.42
C ASN A 218 12.48 17.45 -4.71
N ASP A 219 11.75 16.36 -4.91
CA ASP A 219 10.34 16.37 -5.20
C ASP A 219 9.43 16.34 -4.00
N LEU A 220 9.96 16.04 -2.82
CA LEU A 220 9.08 15.97 -1.65
C LEU A 220 8.52 17.34 -1.34
N ILE A 221 7.21 17.38 -1.16
CA ILE A 221 6.54 18.57 -0.67
C ILE A 221 6.85 18.72 0.81
N LYS A 222 7.42 19.87 1.17
CA LYS A 222 7.96 20.12 2.51
C LYS A 222 7.17 21.15 3.30
N LYS A 223 6.35 21.92 2.56
CA LYS A 223 5.57 23.03 3.12
C LYS A 223 4.09 22.73 3.13
N GLY A 224 3.43 23.25 4.15
CA GLY A 224 1.98 23.15 4.24
C GLY A 224 1.48 21.99 5.07
N ILE A 225 2.39 21.16 5.53
CA ILE A 225 2.01 19.92 6.19
C ILE A 225 1.44 20.18 7.59
N GLY A 226 2.12 21.03 8.35
CA GLY A 226 1.65 21.37 9.70
C GLY A 226 0.37 22.19 9.60
N GLN A 227 0.37 23.09 8.63
CA GLN A 227 -0.82 23.85 8.34
C GLN A 227 -2.04 22.96 8.07
N LYS A 228 -1.91 22.04 7.13
CA LYS A 228 -2.98 21.11 6.79
C LYS A 228 -3.45 20.27 7.96
N ALA A 229 -2.53 19.77 8.79
CA ALA A 229 -2.93 18.99 9.96
C ALA A 229 -3.74 19.84 10.93
N LEU A 230 -3.34 21.10 11.10
CA LEU A 230 -4.06 21.97 12.01
C LEU A 230 -5.48 22.22 11.49
N GLU A 231 -5.59 22.52 10.21
CA GLU A 231 -6.89 22.74 9.56
C GLU A 231 -7.79 21.51 9.72
N ARG A 232 -7.24 20.32 9.53
CA ARG A 232 -7.97 19.06 9.67
C ARG A 232 -8.45 18.76 11.08
N VAL A 233 -7.64 19.06 12.07
CA VAL A 233 -8.06 18.74 13.42
C VAL A 233 -9.13 19.74 13.90
N LEU A 234 -9.04 21.00 13.48
CA LEU A 234 -10.01 22.00 13.87
C LEU A 234 -11.39 21.71 13.27
N ARG A 235 -11.40 21.07 12.10
CA ARG A 235 -12.63 20.69 11.43
C ARG A 235 -13.35 19.57 12.15
N LYS A 236 -12.66 18.92 13.09
CA LYS A 236 -13.26 17.85 13.87
C LYS A 236 -14.09 18.40 15.05
N LEU A 237 -14.04 19.70 15.28
CA LEU A 237 -14.73 20.30 16.40
C LEU A 237 -16.23 20.35 16.08
N GLY A 238 -17.05 19.98 17.05
CA GLY A 238 -18.49 20.04 16.93
C GLY A 238 -19.08 18.82 16.25
N GLN A 239 -18.29 17.78 16.03
CA GLN A 239 -18.82 16.59 15.35
C GLN A 239 -20.01 15.98 16.11
N LYS A 240 -21.04 15.58 15.37
CA LYS A 240 -22.30 15.08 15.92
C LYS A 240 -22.88 14.04 14.95
N LYS A 241 -23.75 13.16 15.43
CA LYS A 241 -24.53 12.28 14.58
C LYS A 241 -25.51 13.07 13.73
N VAL A 242 -25.96 12.48 12.62
CA VAL A 242 -27.03 13.04 11.79
C VAL A 242 -28.10 11.96 11.63
N GLN A 243 -29.25 12.30 11.06
CA GLN A 243 -30.34 11.33 10.92
C GLN A 243 -29.90 10.14 10.07
N SER A 244 -30.30 8.94 10.48
CA SER A 244 -30.00 7.74 9.72
C SER A 244 -30.77 7.72 8.41
N GLY A 245 -30.16 7.14 7.38
CA GLY A 245 -30.87 6.93 6.12
C GLY A 245 -29.93 6.89 4.95
N LYS A 246 -30.47 7.08 3.74
CA LYS A 246 -29.61 7.08 2.53
C LYS A 246 -29.03 8.46 2.34
N TYR A 247 -27.76 8.51 1.94
CA TYR A 247 -27.12 9.76 1.55
C TYR A 247 -26.23 9.49 0.36
N THR A 248 -25.95 10.52 -0.42
CA THR A 248 -24.82 10.48 -1.35
C THR A 248 -23.52 10.49 -0.52
N MET A 249 -22.62 9.56 -0.77
CA MET A 249 -21.35 9.53 -0.05
C MET A 249 -20.22 10.07 -0.93
N VAL A 250 -19.54 11.11 -0.43
CA VAL A 250 -18.33 11.60 -1.07
C VAL A 250 -17.13 11.17 -0.20
N VAL A 251 -16.08 10.68 -0.84
CA VAL A 251 -14.86 10.27 -0.12
C VAL A 251 -13.63 10.95 -0.70
N ASP A 252 -12.79 11.49 0.19
CA ASP A 252 -11.60 12.23 -0.25
C ASP A 252 -10.48 11.29 -0.66
N PRO A 253 -9.46 11.82 -1.33
CA PRO A 253 -8.37 11.02 -1.80
C PRO A 253 -7.54 10.47 -0.65
N MET A 254 -7.52 11.18 0.47
CA MET A 254 -6.82 10.65 1.65
C MET A 254 -7.45 9.27 2.02
N ASN A 255 -8.76 9.04 1.71
CA ASN A 255 -9.57 7.86 2.14
C ASN A 255 -10.27 6.94 1.12
N SER A 256 -10.23 7.33 -0.16
N SER A 256 -10.32 7.32 -0.16
CA SER A 256 -10.91 6.62 -1.22
CA SER A 256 -11.02 6.53 -1.18
C SER A 256 -10.33 5.22 -1.43
C SER A 256 -10.35 5.18 -1.43
N SER A 257 -9.05 5.08 -1.17
CA SER A 257 -8.39 3.78 -1.31
C SER A 257 -8.92 2.75 -0.31
N ARG A 258 -9.32 3.22 0.86
CA ARG A 258 -9.88 2.37 1.93
C ARG A 258 -11.05 1.48 1.47
N LEU A 259 -12.03 2.06 0.77
CA LEU A 259 -13.15 1.28 0.28
C LEU A 259 -12.79 0.31 -0.87
N LEU A 260 -11.70 0.59 -1.60
CA LEU A 260 -11.26 -0.22 -2.68
C LEU A 260 -10.46 -1.41 -2.20
N SER A 261 -9.76 -1.20 -1.10
CA SER A 261 -8.85 -2.22 -0.55
C SER A 261 -9.49 -3.61 -0.40
N PRO A 262 -10.66 -3.76 0.21
CA PRO A 262 -11.25 -5.09 0.32
C PRO A 262 -11.64 -5.73 -0.98
N MET A 263 -11.88 -4.93 -2.02
CA MET A 263 -12.15 -5.48 -3.33
C MET A 263 -10.87 -6.10 -3.86
N ILE A 264 -9.76 -5.41 -3.64
CA ILE A 264 -8.48 -5.91 -4.15
C ILE A 264 -8.05 -7.17 -3.38
N SER A 265 -8.32 -7.21 -2.09
CA SER A 265 -8.02 -8.42 -1.30
C SER A 265 -8.76 -9.63 -1.83
N ALA A 266 -10.00 -9.42 -2.27
CA ALA A 266 -10.84 -10.47 -2.79
C ALA A 266 -10.35 -11.04 -4.10
N LEU A 267 -9.45 -10.32 -4.78
CA LEU A 267 -8.88 -10.82 -5.98
C LEU A 267 -7.65 -11.68 -5.79
N ASN A 268 -7.24 -11.83 -4.56
CA ASN A 268 -6.02 -12.61 -4.29
C ASN A 268 -6.27 -14.10 -4.47
N GLY A 269 -5.32 -14.75 -5.10
CA GLY A 269 -5.42 -16.17 -5.44
C GLY A 269 -5.64 -17.01 -4.19
N SER A 270 -5.02 -16.63 -3.09
CA SER A 270 -5.14 -17.47 -1.85
C SER A 270 -6.54 -17.36 -1.26
N ALA A 271 -7.12 -16.16 -1.31
CA ALA A 271 -8.51 -15.99 -0.90
C ALA A 271 -9.48 -16.78 -1.77
N LEU A 272 -9.24 -16.79 -3.07
CA LEU A 272 -10.07 -17.49 -4.02
C LEU A 272 -9.95 -19.00 -3.76
N GLN A 273 -8.72 -19.43 -3.52
CA GLN A 273 -8.41 -20.86 -3.37
C GLN A 273 -9.06 -21.39 -2.11
N GLN A 274 -9.06 -20.54 -1.10
N GLN A 274 -9.05 -20.55 -1.08
CA GLN A 274 -9.64 -20.86 0.21
CA GLN A 274 -9.65 -20.85 0.23
C GLN A 274 -11.11 -20.52 0.28
C GLN A 274 -11.17 -20.73 0.25
N LYS A 275 -11.76 -20.30 -0.86
CA LYS A 275 -13.18 -20.02 -0.94
C LYS A 275 -13.63 -19.02 0.13
N ASN A 276 -12.80 -17.99 0.26
CA ASN A 276 -13.02 -16.84 1.15
C ASN A 276 -12.89 -15.51 0.38
N SER A 277 -13.68 -15.39 -0.68
CA SER A 277 -13.67 -14.21 -1.51
C SER A 277 -15.02 -13.98 -2.09
N PHE A 278 -15.57 -12.81 -1.82
CA PHE A 278 -16.88 -12.47 -2.38
C PHE A 278 -16.84 -12.16 -3.88
N LEU A 279 -15.62 -12.13 -4.44
CA LEU A 279 -15.45 -12.00 -5.88
C LEU A 279 -15.14 -13.32 -6.60
N LEU A 280 -15.26 -14.44 -5.90
CA LEU A 280 -15.07 -15.74 -6.52
C LEU A 280 -16.17 -15.86 -7.55
N ASN A 281 -15.83 -16.41 -8.72
CA ASN A 281 -16.81 -16.63 -9.81
C ASN A 281 -17.40 -15.36 -10.42
N LYS A 282 -16.72 -14.25 -10.26
CA LYS A 282 -17.20 -12.98 -10.86
C LYS A 282 -16.33 -12.52 -12.02
N LEU A 283 -15.33 -13.31 -12.41
CA LEU A 283 -14.41 -12.90 -13.44
C LEU A 283 -15.19 -12.70 -14.74
N ASN A 284 -14.89 -11.59 -15.41
CA ASN A 284 -15.51 -11.23 -16.67
C ASN A 284 -17.01 -10.98 -16.56
N GLU A 285 -17.48 -10.71 -15.35
CA GLU A 285 -18.86 -10.30 -15.16
C GLU A 285 -18.98 -8.80 -14.90
N LYS A 286 -20.16 -8.29 -15.20
CA LYS A 286 -20.44 -6.87 -15.11
C LYS A 286 -20.95 -6.58 -13.71
N ILE A 287 -20.01 -6.53 -12.75
CA ILE A 287 -20.40 -6.45 -11.35
C ILE A 287 -20.49 -5.06 -10.77
N ALA A 288 -19.79 -4.08 -11.36
CA ALA A 288 -19.76 -2.78 -10.75
C ALA A 288 -20.10 -1.67 -11.77
N SER A 289 -19.95 -0.42 -11.34
CA SER A 289 -20.38 0.75 -12.09
C SER A 289 -19.65 0.93 -13.41
N ASP A 290 -20.35 1.51 -14.39
CA ASP A 290 -19.65 1.99 -15.59
C ASP A 290 -18.50 2.92 -15.29
N ARG A 291 -18.60 3.62 -14.17
CA ARG A 291 -17.59 4.63 -13.77
C ARG A 291 -16.37 4.03 -13.13
N LEU A 292 -16.36 2.73 -12.86
CA LEU A 292 -15.20 2.06 -12.26
C LEU A 292 -14.33 1.42 -13.34
N THR A 293 -13.27 2.13 -13.66
CA THR A 293 -12.19 1.62 -14.47
C THR A 293 -10.90 1.76 -13.70
N LEU A 294 -10.21 0.63 -13.62
CA LEU A 294 -9.07 0.46 -12.74
C LEU A 294 -8.06 -0.41 -13.45
N THR A 295 -6.82 0.08 -13.56
CA THR A 295 -5.76 -0.69 -14.18
C THR A 295 -4.62 -0.85 -13.19
N ASP A 296 -3.82 -1.89 -13.43
CA ASP A 296 -2.54 -2.08 -12.75
C ASP A 296 -1.45 -1.62 -13.73
N GLU A 297 -0.66 -0.64 -13.30
CA GLU A 297 0.30 0.05 -14.13
C GLU A 297 1.69 -0.09 -13.55
N PRO A 298 2.27 -1.29 -13.63
CA PRO A 298 3.53 -1.55 -12.91
C PRO A 298 4.77 -0.86 -13.46
N HIS A 299 4.64 -0.24 -14.65
CA HIS A 299 5.82 0.23 -15.36
C HIS A 299 5.97 1.76 -15.40
N LEU A 300 5.18 2.45 -14.61
CA LEU A 300 5.30 3.94 -14.51
C LEU A 300 6.64 4.35 -13.94
N VAL A 301 7.33 5.26 -14.65
CA VAL A 301 8.63 5.71 -14.22
C VAL A 301 8.54 6.72 -13.08
N LYS A 302 9.48 6.61 -12.14
CA LYS A 302 9.60 7.37 -10.94
C LYS A 302 8.30 7.30 -10.11
N ALA A 303 7.66 6.15 -10.08
CA ALA A 303 6.35 5.99 -9.42
C ALA A 303 6.47 4.99 -8.28
N SER A 304 5.99 5.34 -7.10
CA SER A 304 5.97 4.42 -5.96
C SER A 304 5.13 3.19 -6.34
N GLY A 305 5.69 2.01 -6.15
CA GLY A 305 5.01 0.77 -6.53
C GLY A 305 5.52 0.11 -7.79
N ALA A 306 6.22 0.86 -8.63
CA ALA A 306 6.61 0.33 -9.92
C ALA A 306 7.64 -0.81 -9.78
N ARG A 307 7.50 -1.78 -10.65
CA ARG A 307 8.41 -2.95 -10.66
C ARG A 307 8.24 -3.78 -11.90
N TYR A 308 9.36 -4.37 -12.36
CA TYR A 308 9.31 -5.24 -13.53
C TYR A 308 9.05 -6.73 -13.24
N PHE A 309 9.15 -7.10 -11.97
CA PHE A 309 8.86 -8.50 -11.60
C PHE A 309 8.36 -8.55 -10.16
N ASP A 310 7.64 -9.62 -9.84
CA ASP A 310 7.28 -9.87 -8.46
C ASP A 310 8.30 -10.73 -7.77
N ASN A 311 8.00 -11.14 -6.54
CA ASN A 311 9.01 -11.97 -5.83
C ASN A 311 9.26 -13.39 -6.33
N GLU A 312 8.46 -13.89 -7.26
CA GLU A 312 8.61 -15.15 -7.90
C GLU A 312 9.35 -14.98 -9.25
N GLY A 313 9.78 -13.75 -9.57
CA GLY A 313 10.46 -13.43 -10.84
C GLY A 313 9.53 -13.18 -12.06
N ILE A 314 8.24 -13.28 -11.86
CA ILE A 314 7.26 -13.22 -12.92
C ILE A 314 7.30 -11.80 -13.46
N ALA A 315 7.36 -11.66 -14.77
CA ALA A 315 7.31 -10.32 -15.39
C ALA A 315 5.93 -9.66 -15.10
N THR A 316 5.95 -8.45 -14.57
CA THR A 316 4.73 -7.64 -14.45
C THR A 316 4.26 -7.19 -15.82
N GLU A 317 2.97 -6.96 -15.93
CA GLU A 317 2.34 -6.51 -17.16
C GLU A 317 1.26 -5.54 -16.74
N ARG A 318 1.00 -4.55 -17.61
CA ARG A 318 -0.24 -3.79 -17.50
C ARG A 318 -1.44 -4.67 -17.62
N ARG A 319 -2.42 -4.48 -16.72
CA ARG A 319 -3.65 -5.22 -16.79
C ARG A 319 -4.86 -4.34 -16.45
N SER A 320 -5.95 -4.65 -17.12
CA SER A 320 -7.25 -4.16 -16.79
C SER A 320 -7.74 -4.97 -15.57
N ILE A 321 -8.03 -4.27 -14.49
N ILE A 321 -8.03 -4.27 -14.48
CA ILE A 321 -8.69 -4.91 -13.33
CA ILE A 321 -8.65 -4.90 -13.30
C ILE A 321 -10.18 -4.78 -13.48
C ILE A 321 -10.18 -4.75 -13.35
N PHE A 322 -10.67 -3.54 -13.61
CA PHE A 322 -12.05 -3.28 -14.00
C PHE A 322 -12.07 -2.40 -15.25
N ASP A 323 -12.92 -2.78 -16.20
CA ASP A 323 -13.19 -1.97 -17.39
C ASP A 323 -14.68 -1.64 -17.39
N LYS A 324 -14.98 -0.41 -16.99
CA LYS A 324 -16.33 0.08 -16.91
C LYS A 324 -17.19 -0.94 -16.15
N GLY A 325 -16.67 -1.40 -15.02
CA GLY A 325 -17.43 -2.24 -14.10
C GLY A 325 -17.30 -3.73 -14.29
N VAL A 326 -16.65 -4.14 -15.38
CA VAL A 326 -16.42 -5.54 -15.67
C VAL A 326 -15.11 -5.92 -15.00
N LEU A 327 -15.13 -6.94 -14.17
CA LEU A 327 -13.91 -7.45 -13.55
C LEU A 327 -13.10 -8.29 -14.53
N ASN A 328 -11.83 -7.95 -14.71
CA ASN A 328 -11.03 -8.61 -15.72
C ASN A 328 -9.81 -9.40 -15.27
N THR A 329 -9.43 -9.28 -14.00
N THR A 329 -9.43 -9.34 -14.01
CA THR A 329 -8.19 -9.89 -13.46
CA THR A 329 -8.35 -10.18 -13.60
C THR A 329 -8.38 -10.45 -12.06
C THR A 329 -8.36 -10.46 -12.12
N TYR A 330 -7.78 -11.62 -11.82
CA TYR A 330 -7.45 -12.04 -10.47
C TYR A 330 -5.91 -12.01 -10.35
N PHE A 331 -5.41 -11.95 -9.11
CA PHE A 331 -3.99 -11.89 -8.82
C PHE A 331 -3.58 -13.26 -8.26
N ILE A 332 -3.17 -14.15 -9.15
CA ILE A 332 -2.94 -15.56 -8.83
C ILE A 332 -1.48 -15.92 -9.02
N ASP A 333 -0.81 -16.29 -7.93
CA ASP A 333 0.57 -16.72 -8.06
C ASP A 333 0.66 -18.19 -8.51
N THR A 334 1.89 -18.67 -8.65
CA THR A 334 2.15 -19.97 -9.25
C THR A 334 1.49 -21.05 -8.40
N TYR A 335 1.72 -20.97 -7.10
CA TYR A 335 1.18 -21.97 -6.16
C TYR A 335 -0.34 -22.07 -6.20
N ASN A 336 -1.04 -20.94 -6.02
CA ASN A 336 -2.47 -20.97 -6.06
C ASN A 336 -3.04 -21.31 -7.43
N ALA A 337 -2.36 -20.91 -8.49
CA ALA A 337 -2.75 -21.32 -9.83
C ALA A 337 -2.74 -22.86 -9.93
N LYS A 338 -1.66 -23.48 -9.48
CA LYS A 338 -1.55 -24.94 -9.52
C LYS A 338 -2.64 -25.62 -8.70
N LYS A 339 -2.93 -25.09 -7.53
CA LYS A 339 -3.95 -25.67 -6.67
C LYS A 339 -5.35 -25.58 -7.24
N MET A 340 -5.61 -24.48 -7.91
CA MET A 340 -6.92 -24.23 -8.45
C MET A 340 -7.09 -24.80 -9.84
N GLY A 341 -5.99 -25.16 -10.48
CA GLY A 341 -6.01 -25.64 -11.84
C GLY A 341 -6.33 -24.56 -12.85
N VAL A 342 -5.76 -23.37 -12.64
CA VAL A 342 -6.04 -22.24 -13.52
C VAL A 342 -4.70 -21.59 -13.86
N ASP A 343 -4.73 -20.63 -14.77
CA ASP A 343 -3.51 -19.96 -15.19
C ASP A 343 -3.11 -18.89 -14.17
N PRO A 344 -1.82 -18.83 -13.86
CA PRO A 344 -1.32 -17.80 -12.99
C PRO A 344 -1.27 -16.48 -13.74
N THR A 345 -1.30 -15.39 -12.99
CA THR A 345 -1.17 -14.04 -13.51
C THR A 345 0.04 -13.30 -12.96
N ILE A 346 -0.11 -12.74 -11.77
CA ILE A 346 0.95 -12.15 -11.02
C ILE A 346 0.47 -12.22 -9.58
N SER A 347 1.40 -12.22 -8.64
CA SER A 347 1.07 -12.43 -7.21
C SER A 347 0.29 -11.28 -6.59
N GLY A 348 0.42 -10.10 -7.15
CA GLY A 348 -0.33 -8.94 -6.63
C GLY A 348 -0.16 -7.73 -7.53
N SER A 349 -1.00 -6.75 -7.31
CA SER A 349 -0.91 -5.47 -8.05
C SER A 349 0.32 -4.69 -7.66
N SER A 350 0.66 -3.68 -8.49
CA SER A 350 1.87 -2.89 -8.29
C SER A 350 1.52 -1.41 -8.13
N ILE A 351 0.78 -0.86 -9.11
CA ILE A 351 0.26 0.50 -8.99
C ILE A 351 -1.15 0.49 -9.51
N LEU A 352 -2.11 0.76 -8.61
CA LEU A 352 -3.50 0.82 -9.01
C LEU A 352 -3.88 2.21 -9.43
N VAL A 353 -4.42 2.29 -10.63
CA VAL A 353 -4.78 3.60 -11.22
C VAL A 353 -6.27 3.58 -11.59
N MET A 354 -7.03 4.43 -10.93
N MET A 354 -7.03 4.45 -10.96
CA MET A 354 -8.44 4.60 -11.23
CA MET A 354 -8.44 4.58 -11.26
C MET A 354 -8.58 5.68 -12.30
C MET A 354 -8.70 5.73 -12.22
N GLU A 355 -9.46 5.45 -13.25
CA GLU A 355 -9.78 6.46 -14.26
C GLU A 355 -10.35 7.69 -13.58
N THR A 356 -9.85 8.88 -13.95
CA THR A 356 -10.27 10.15 -13.35
C THR A 356 -11.32 10.90 -14.17
N GLY A 357 -12.13 11.66 -13.45
CA GLY A 357 -13.14 12.55 -14.02
C GLY A 357 -12.57 13.94 -14.15
N ASP A 358 -13.45 14.92 -14.25
N ASP A 358 -13.46 14.92 -14.23
CA ASP A 358 -13.01 16.30 -14.55
CA ASP A 358 -13.05 16.31 -14.56
C ASP A 358 -13.26 17.29 -13.43
C ASP A 358 -13.09 17.26 -13.38
N LYS A 359 -13.66 16.82 -12.26
CA LYS A 359 -13.75 17.66 -11.07
C LYS A 359 -12.81 17.22 -9.94
N ASN A 360 -12.41 18.18 -9.09
CA ASN A 360 -11.70 17.86 -7.86
C ASN A 360 -12.71 17.71 -6.76
N LEU A 361 -12.24 17.44 -5.56
CA LEU A 361 -13.14 17.20 -4.43
C LEU A 361 -14.15 18.33 -4.24
N ASP A 362 -13.68 19.56 -4.27
CA ASP A 362 -14.56 20.70 -4.07
C ASP A 362 -15.65 20.72 -5.11
N GLY A 363 -15.26 20.43 -6.35
CA GLY A 363 -16.18 20.44 -7.47
C GLY A 363 -17.22 19.34 -7.35
N LEU A 364 -16.79 18.17 -6.87
CA LEU A 364 -17.72 17.05 -6.61
C LEU A 364 -18.71 17.39 -5.47
N ILE A 365 -18.22 18.00 -4.39
CA ILE A 365 -19.08 18.36 -3.26
C ILE A 365 -20.15 19.34 -3.71
N ALA A 366 -19.71 20.30 -4.52
CA ALA A 366 -20.59 21.37 -4.99
C ALA A 366 -21.82 20.83 -5.74
N GLY A 367 -21.69 19.63 -6.30
CA GLY A 367 -22.79 19.00 -7.06
C GLY A 367 -23.73 18.11 -6.29
N VAL A 368 -23.53 17.99 -4.96
CA VAL A 368 -24.31 17.06 -4.15
C VAL A 368 -25.37 17.77 -3.32
N GLU A 369 -26.62 17.33 -3.46
CA GLU A 369 -27.75 17.98 -2.79
C GLU A 369 -27.90 17.48 -1.35
N LYS A 370 -27.75 16.18 -1.12
CA LYS A 370 -27.83 15.64 0.24
C LYS A 370 -26.85 14.52 0.39
N GLY A 371 -25.78 14.77 1.13
CA GLY A 371 -24.74 13.79 1.21
C GLY A 371 -23.96 13.92 2.49
N ILE A 372 -22.97 13.06 2.58
CA ILE A 372 -21.97 13.10 3.63
C ILE A 372 -20.61 12.97 2.98
N LEU A 373 -19.72 13.86 3.35
CA LEU A 373 -18.34 13.76 2.94
C LEU A 373 -17.63 12.98 4.02
N VAL A 374 -16.98 11.89 3.65
CA VAL A 374 -16.18 11.08 4.56
C VAL A 374 -14.71 11.49 4.55
N THR A 375 -14.24 11.99 5.69
CA THR A 375 -12.86 12.42 5.79
C THR A 375 -12.04 11.46 6.64
N GLY A 376 -12.68 10.41 7.12
CA GLY A 376 -11.94 9.42 7.87
C GLY A 376 -12.80 8.25 8.28
N PHE A 377 -12.15 7.12 8.51
CA PHE A 377 -12.82 5.88 8.87
C PHE A 377 -12.39 5.47 10.26
N ASN A 378 -13.34 5.07 11.09
CA ASN A 378 -13.09 4.72 12.50
C ASN A 378 -13.61 3.33 12.86
N GLY A 379 -12.82 2.31 12.54
CA GLY A 379 -13.16 0.95 12.94
C GLY A 379 -14.23 0.36 12.05
N GLY A 380 -14.49 -0.94 12.22
CA GLY A 380 -15.41 -1.67 11.35
C GLY A 380 -14.69 -2.74 10.60
N ASN A 381 -15.38 -3.48 9.73
N ASN A 381 -15.43 -3.44 9.74
CA ASN A 381 -14.72 -4.46 8.86
CA ASN A 381 -14.92 -4.60 9.02
C ASN A 381 -15.69 -4.84 7.76
C ASN A 381 -15.72 -4.83 7.74
N ASN A 382 -15.20 -5.68 6.86
CA ASN A 382 -16.00 -6.36 5.86
C ASN A 382 -15.87 -7.86 6.03
N ASN A 383 -16.93 -8.56 5.70
CA ASN A 383 -16.91 -9.99 5.58
C ASN A 383 -16.20 -10.34 4.27
N SER A 384 -15.13 -11.11 4.37
N SER A 384 -15.12 -11.12 4.36
CA SER A 384 -14.29 -11.45 3.23
CA SER A 384 -14.30 -11.48 3.21
C SER A 384 -14.97 -12.37 2.22
C SER A 384 -14.99 -12.35 2.20
N SER A 385 -15.93 -13.19 2.65
CA SER A 385 -16.65 -14.10 1.75
C SER A 385 -17.94 -13.54 1.16
N THR A 386 -18.60 -12.62 1.87
CA THR A 386 -19.87 -12.04 1.38
C THR A 386 -19.75 -10.60 0.82
N GLY A 387 -18.78 -9.85 1.32
CA GLY A 387 -18.61 -8.44 0.99
C GLY A 387 -19.47 -7.46 1.79
N ASP A 388 -20.27 -7.94 2.74
CA ASP A 388 -21.01 -7.05 3.59
C ASP A 388 -20.03 -6.24 4.44
N PHE A 389 -20.35 -4.96 4.69
CA PHE A 389 -19.42 -4.08 5.40
C PHE A 389 -20.15 -3.17 6.37
N SER A 390 -19.40 -2.72 7.38
CA SER A 390 -19.87 -1.69 8.30
C SER A 390 -18.62 -0.95 8.77
N TYR A 391 -18.56 0.35 8.51
CA TYR A 391 -17.40 1.10 8.94
C TYR A 391 -17.78 2.35 9.65
N GLY A 392 -16.98 2.76 10.62
CA GLY A 392 -17.23 4.02 11.28
C GLY A 392 -16.71 5.14 10.42
N ILE A 393 -17.47 6.23 10.37
CA ILE A 393 -17.08 7.39 9.60
C ILE A 393 -17.16 8.71 10.40
N GLU A 394 -16.37 9.65 9.95
CA GLU A 394 -16.50 11.02 10.31
C GLU A 394 -16.32 11.91 9.06
N GLY A 395 -16.74 13.16 9.17
CA GLY A 395 -16.68 14.08 8.06
C GLY A 395 -17.64 15.25 8.20
N PHE A 396 -18.38 15.51 7.13
CA PHE A 396 -19.32 16.60 7.09
C PHE A 396 -20.59 16.24 6.35
N LEU A 397 -21.69 16.78 6.85
CA LEU A 397 -22.92 16.78 6.09
C LEU A 397 -22.73 17.71 4.88
N ILE A 398 -23.35 17.34 3.76
CA ILE A 398 -23.37 18.14 2.52
C ILE A 398 -24.81 18.47 2.25
N GLU A 399 -25.12 19.76 2.17
CA GLU A 399 -26.48 20.23 1.94
C GLU A 399 -26.40 21.28 0.83
N ASN A 400 -27.06 20.99 -0.28
CA ASN A 400 -27.08 21.87 -1.43
C ASN A 400 -25.68 22.30 -1.82
N GLY A 401 -24.77 21.33 -1.89
CA GLY A 401 -23.44 21.55 -2.41
C GLY A 401 -22.46 22.19 -1.45
N LYS A 402 -22.85 22.35 -0.18
CA LYS A 402 -22.02 23.03 0.82
C LYS A 402 -21.87 22.10 2.01
N LEU A 403 -20.67 22.11 2.60
CA LEU A 403 -20.39 21.38 3.81
C LEU A 403 -21.03 22.10 4.96
N THR A 404 -21.82 21.39 5.77
CA THR A 404 -22.40 22.02 6.95
C THR A 404 -21.95 21.31 8.21
N GLN A 405 -22.83 20.52 8.81
CA GLN A 405 -22.60 19.98 10.15
C GLN A 405 -21.43 19.03 10.13
N PRO A 406 -20.50 19.18 11.07
CA PRO A 406 -19.43 18.17 11.19
C PRO A 406 -20.03 16.88 11.74
N VAL A 407 -19.57 15.76 11.22
CA VAL A 407 -20.19 14.48 11.50
C VAL A 407 -19.23 13.49 12.12
N SER A 408 -19.74 12.75 13.10
CA SER A 408 -19.08 11.56 13.63
C SER A 408 -20.14 10.66 14.28
N GLU A 409 -19.67 9.58 14.86
CA GLU A 409 -20.52 8.57 15.51
C GLU A 409 -21.58 8.00 14.59
N MET A 410 -21.21 7.79 13.32
CA MET A 410 -22.11 7.13 12.36
C MET A 410 -21.40 5.94 11.76
N ASN A 411 -22.18 4.99 11.29
CA ASN A 411 -21.64 3.88 10.53
C ASN A 411 -22.18 3.90 9.12
N VAL A 412 -21.31 3.55 8.20
CA VAL A 412 -21.70 3.29 6.81
C VAL A 412 -21.75 1.76 6.64
N THR A 413 -22.84 1.26 6.07
CA THR A 413 -23.04 -0.18 5.92
C THR A 413 -23.55 -0.47 4.54
N GLY A 414 -23.44 -1.72 4.15
CA GLY A 414 -23.92 -2.17 2.84
C GLY A 414 -23.14 -3.38 2.41
N ASN A 415 -23.10 -3.60 1.09
CA ASN A 415 -22.33 -4.67 0.51
C ASN A 415 -21.41 -4.03 -0.51
N LEU A 416 -20.17 -4.47 -0.53
CA LEU A 416 -19.13 -3.80 -1.33
C LEU A 416 -19.43 -3.84 -2.82
N ILE A 417 -20.05 -4.91 -3.29
CA ILE A 417 -20.34 -4.99 -4.71
C ILE A 417 -21.35 -3.95 -5.13
N THR A 418 -22.48 -3.86 -4.42
CA THR A 418 -23.49 -2.84 -4.74
C THR A 418 -22.98 -1.44 -4.46
N LEU A 419 -22.13 -1.28 -3.45
CA LEU A 419 -21.49 0.00 -3.25
C LEU A 419 -20.72 0.43 -4.50
N TRP A 420 -19.88 -0.46 -5.00
CA TRP A 420 -19.05 -0.14 -6.16
C TRP A 420 -19.92 -0.11 -7.44
N ASN A 421 -21.12 -0.70 -7.39
CA ASN A 421 -22.07 -0.55 -8.50
C ASN A 421 -22.74 0.81 -8.47
N SER A 422 -22.67 1.54 -7.33
CA SER A 422 -23.33 2.85 -7.18
C SER A 422 -22.38 4.07 -7.29
N LEU A 423 -21.12 3.83 -7.66
CA LEU A 423 -20.15 4.88 -7.99
C LEU A 423 -20.65 5.70 -9.18
N VAL A 424 -20.87 7.00 -8.96
CA VAL A 424 -21.37 7.89 -10.02
C VAL A 424 -20.34 8.85 -10.57
N ALA A 425 -19.26 9.10 -9.83
CA ALA A 425 -18.21 9.99 -10.31
C ALA A 425 -16.89 9.70 -9.66
N THR A 426 -15.81 10.04 -10.38
CA THR A 426 -14.48 10.04 -9.80
C THR A 426 -13.82 11.40 -10.06
N GLY A 427 -12.96 11.78 -9.15
CA GLY A 427 -12.27 13.10 -9.22
C GLY A 427 -11.07 13.04 -10.13
N ASN A 428 -10.42 14.20 -10.25
CA ASN A 428 -9.16 14.36 -10.94
C ASN A 428 -7.97 14.52 -9.97
N ASP A 429 -8.12 14.04 -8.75
CA ASP A 429 -7.25 14.37 -7.66
C ASP A 429 -6.63 13.17 -6.90
N PRO A 430 -6.11 12.16 -7.61
CA PRO A 430 -5.45 11.04 -6.98
C PRO A 430 -4.19 11.51 -6.27
N ARG A 431 -3.78 10.81 -5.22
CA ARG A 431 -2.48 11.06 -4.57
C ARG A 431 -1.41 10.30 -5.34
N LEU A 432 -0.66 10.99 -6.16
CA LEU A 432 0.32 10.33 -7.02
C LEU A 432 1.54 9.75 -6.31
N ASN A 433 1.80 10.17 -5.08
N ASN A 433 1.77 10.21 -5.08
CA ASN A 433 2.94 9.63 -4.33
CA ASN A 433 2.83 9.71 -4.18
C ASN A 433 2.60 8.31 -3.64
C ASN A 433 2.60 8.29 -3.68
N SER A 434 1.35 7.84 -3.81
CA SER A 434 0.92 6.54 -3.33
C SER A 434 0.97 5.52 -4.47
N SER A 435 1.19 4.25 -4.16
CA SER A 435 0.94 3.18 -5.13
C SER A 435 -0.54 2.93 -5.46
N TRP A 436 -1.42 3.51 -4.65
N TRP A 436 -1.45 3.50 -4.73
CA TRP A 436 -2.88 3.57 -4.85
CA TRP A 436 -2.84 3.43 -5.14
C TRP A 436 -3.21 4.97 -5.44
C TRP A 436 -3.28 4.87 -5.46
N ARG A 437 -3.37 5.09 -6.75
CA ARG A 437 -3.68 6.41 -7.33
C ARG A 437 -5.19 6.46 -7.57
N ILE A 438 -5.89 6.75 -6.50
CA ILE A 438 -7.35 6.74 -6.47
C ILE A 438 -7.83 8.15 -6.10
N PRO A 439 -8.62 8.76 -6.98
CA PRO A 439 -9.11 10.12 -6.73
C PRO A 439 -10.26 10.10 -5.71
N SER A 440 -10.84 11.28 -5.48
CA SER A 440 -12.09 11.41 -4.77
C SER A 440 -13.16 10.58 -5.48
N LEU A 441 -14.16 10.15 -4.71
CA LEU A 441 -15.21 9.30 -5.20
C LEU A 441 -16.60 9.73 -4.73
N VAL A 442 -17.61 9.52 -5.58
CA VAL A 442 -18.96 9.81 -5.22
C VAL A 442 -19.82 8.58 -5.50
N PHE A 443 -20.55 8.17 -4.47
CA PHE A 443 -21.44 7.02 -4.54
C PHE A 443 -22.84 7.49 -4.22
N GLU A 444 -23.86 6.98 -4.93
CA GLU A 444 -25.22 7.33 -4.60
C GLU A 444 -25.92 6.28 -3.75
N GLY A 445 -26.81 6.74 -2.88
CA GLY A 445 -27.74 5.86 -2.17
C GLY A 445 -27.05 4.93 -1.19
N VAL A 446 -26.21 5.52 -0.34
CA VAL A 446 -25.41 4.76 0.61
C VAL A 446 -26.07 4.91 2.00
N ASP A 447 -26.13 3.81 2.74
CA ASP A 447 -26.72 3.75 4.08
C ASP A 447 -25.77 4.18 5.17
N PHE A 448 -26.25 5.17 5.94
CA PHE A 448 -25.58 5.63 7.16
C PHE A 448 -26.55 5.47 8.32
N SER A 449 -26.01 4.99 9.45
CA SER A 449 -26.79 4.80 10.67
C SER A 449 -26.01 5.21 11.91
N GLY A 450 -26.72 5.62 12.94
CA GLY A 450 -26.09 6.06 14.19
C GLY A 450 -25.45 4.96 15.02
N LEU A 451 -24.25 5.25 15.56
CA LEU A 451 -23.60 4.52 16.70
C LEU A 451 -22.06 4.64 16.68
C1 EDO B . 9.31 1.92 -5.61
O1 EDO B . 8.34 2.24 -4.64
C2 EDO B . 9.47 0.44 -5.71
O2 EDO B . 8.31 -0.21 -6.24
C1 EDO C . -25.20 0.56 -18.96
O1 EDO C . -24.79 1.75 -18.29
C2 EDO C . -24.47 -0.71 -18.47
O2 EDO C . -23.08 -0.70 -18.85
#